data_1LBL
#
_entry.id   1LBL
#
_cell.length_a   57.900
_cell.length_b   73.800
_cell.length_c   104.200
_cell.angle_alpha   90.00
_cell.angle_beta   90.00
_cell.angle_gamma   90.00
#
_symmetry.space_group_name_H-M   'P 21 21 21'
#
loop_
_entity.id
_entity.type
_entity.pdbx_description
1 polymer 'indole-3-glycerol phosphate synthase'
2 non-polymer 1-(O-CARBOXY-PHENYLAMINO)-1-DEOXY-D-RIBULOSE-5-PHOSPHATE
3 water water
#
_entity_poly.entity_id   1
_entity_poly.type   'polypeptide(L)'
_entity_poly.pdbx_seq_one_letter_code
;PRYLKGWLKDVVQLSLRRPSFRASRQRPIISLNERILEFNKRNITAIIAEYKRKSPSGLDVERDPIEYSKFMERYAVGLS
ILTEEKYFNGSYETLRKIASSVSIPILMKDFIVKESQIDDAYNLGADTVLLIVKILTERELESLLEYARSYGMEPLIEIN
DENDLDIALRIGARFIGINSRDLETLEINKENQRKLISMIPSNVVKVAESGISERNEIEELRKLGVNAFLIGSSLMRNPE
KIKEFIL
;
_entity_poly.pdbx_strand_id   A
#
# COMPACT_ATOMS: atom_id res chain seq x y z
N PRO A 1 -16.92 -10.34 2.51
CA PRO A 1 -16.16 -10.11 1.27
C PRO A 1 -17.04 -10.38 0.04
N ARG A 2 -16.52 -10.15 -1.16
CA ARG A 2 -17.27 -10.38 -2.41
C ARG A 2 -17.11 -11.84 -2.81
N TYR A 3 -17.87 -12.27 -3.83
CA TYR A 3 -17.72 -13.64 -4.32
C TYR A 3 -16.32 -13.61 -4.93
N LEU A 4 -15.50 -14.59 -4.60
CA LEU A 4 -14.14 -14.62 -5.12
C LEU A 4 -13.84 -16.04 -5.55
N LYS A 5 -12.85 -16.23 -6.42
CA LYS A 5 -12.46 -17.55 -6.88
C LYS A 5 -10.93 -17.60 -6.75
N GLY A 6 -10.36 -18.79 -6.98
CA GLY A 6 -8.92 -18.95 -6.94
C GLY A 6 -8.22 -18.48 -5.70
N TRP A 7 -6.96 -18.13 -5.87
CA TRP A 7 -6.15 -17.69 -4.77
C TRP A 7 -6.71 -16.50 -3.99
N LEU A 8 -7.50 -15.62 -4.60
CA LEU A 8 -8.07 -14.47 -3.87
C LEU A 8 -9.06 -15.01 -2.85
N LYS A 9 -9.78 -16.05 -3.24
CA LYS A 9 -10.75 -16.69 -2.35
C LYS A 9 -10.00 -17.29 -1.14
N ASP A 10 -8.84 -17.91 -1.37
CA ASP A 10 -8.05 -18.52 -0.29
C ASP A 10 -7.47 -17.51 0.71
N VAL A 11 -6.78 -16.50 0.20
CA VAL A 11 -6.16 -15.51 1.06
C VAL A 11 -7.22 -14.76 1.88
N VAL A 12 -8.39 -14.54 1.29
CA VAL A 12 -9.45 -13.86 2.03
C VAL A 12 -9.90 -14.74 3.19
N GLN A 13 -9.94 -16.07 2.98
CA GLN A 13 -10.30 -16.99 4.07
C GLN A 13 -9.23 -16.96 5.16
N LEU A 14 -7.95 -16.99 4.78
CA LEU A 14 -6.87 -16.92 5.75
C LEU A 14 -7.03 -15.65 6.60
N SER A 15 -7.42 -14.54 5.99
CA SER A 15 -7.61 -13.28 6.75
C SER A 15 -8.82 -13.28 7.71
N LEU A 16 -9.92 -13.94 7.35
CA LEU A 16 -11.12 -13.99 8.22
C LEU A 16 -10.79 -14.67 9.54
N ARG A 17 -9.84 -15.60 9.49
CA ARG A 17 -9.40 -16.35 10.65
C ARG A 17 -8.07 -15.86 11.24
N ARG A 18 -7.62 -14.69 10.84
CA ARG A 18 -6.35 -14.14 11.34
C ARG A 18 -6.50 -13.68 12.80
N PRO A 19 -5.78 -14.32 13.75
CA PRO A 19 -5.84 -13.97 15.19
C PRO A 19 -5.42 -12.50 15.46
N SER A 20 -6.10 -11.80 16.36
CA SER A 20 -5.70 -10.40 16.65
C SER A 20 -4.39 -10.34 17.45
N PHE A 21 -3.69 -9.21 17.41
CA PHE A 21 -2.42 -9.07 18.11
C PHE A 21 -2.55 -7.99 19.15
N ARG A 22 -2.25 -8.34 20.40
CA ARG A 22 -2.37 -7.42 21.51
C ARG A 22 -1.03 -6.77 21.82
N ALA A 23 -1.00 -5.43 21.79
CA ALA A 23 0.22 -4.67 22.10
C ALA A 23 -0.08 -3.19 22.32
N SER A 24 0.82 -2.52 23.04
CA SER A 24 0.71 -1.11 23.35
C SER A 24 1.38 -0.31 22.27
N ARG A 25 0.76 0.80 21.89
CA ARG A 25 1.34 1.63 20.85
C ARG A 25 2.18 2.77 21.44
N GLN A 26 3.45 2.80 21.04
CA GLN A 26 4.41 3.82 21.50
C GLN A 26 4.22 5.21 20.92
N ARG A 27 4.47 5.37 19.63
CA ARG A 27 4.38 6.67 18.99
C ARG A 27 3.05 7.01 18.35
N PRO A 28 2.69 8.31 18.30
CA PRO A 28 1.46 8.86 17.71
C PRO A 28 1.47 8.60 16.21
N ILE A 29 0.33 8.76 15.54
CA ILE A 29 0.23 8.54 14.10
C ILE A 29 0.93 9.63 13.27
N ILE A 30 1.65 9.20 12.24
CA ILE A 30 2.37 10.10 11.33
C ILE A 30 1.61 9.88 10.02
N SER A 31 0.88 10.89 9.58
CA SER A 31 0.09 10.80 8.34
C SER A 31 0.90 10.60 7.05
N LEU A 32 0.65 9.49 6.34
CA LEU A 32 1.34 9.21 5.08
C LEU A 32 0.90 10.13 3.93
N ASN A 33 -0.40 10.39 3.80
CA ASN A 33 -0.90 11.23 2.72
C ASN A 33 -0.56 12.73 2.87
N GLU A 34 -0.46 13.21 4.10
CA GLU A 34 -0.11 14.61 4.32
C GLU A 34 1.36 14.77 3.99
N ARG A 35 2.16 13.75 4.29
CA ARG A 35 3.60 13.81 4.00
C ARG A 35 3.90 13.74 2.50
N ILE A 36 3.05 13.03 1.73
CA ILE A 36 3.20 12.92 0.27
C ILE A 36 2.96 14.34 -0.29
N LEU A 37 1.94 15.04 0.21
CA LEU A 37 1.63 16.42 -0.22
C LEU A 37 2.78 17.39 0.09
N GLU A 38 3.49 17.22 1.21
CA GLU A 38 4.61 18.10 1.53
C GLU A 38 5.86 17.79 0.65
N PHE A 39 5.98 16.55 0.17
CA PHE A 39 7.08 16.18 -0.72
C PHE A 39 6.76 16.77 -2.10
N ASN A 40 5.47 16.86 -2.40
CA ASN A 40 5.01 17.41 -3.66
C ASN A 40 5.40 18.88 -3.71
N LYS A 41 5.05 19.65 -2.69
CA LYS A 41 5.38 21.07 -2.70
C LYS A 41 6.87 21.32 -2.62
N ARG A 42 7.64 20.39 -2.08
CA ARG A 42 9.08 20.58 -2.02
C ARG A 42 9.69 19.99 -3.29
N ASN A 43 8.85 19.57 -4.22
CA ASN A 43 9.28 19.02 -5.47
C ASN A 43 10.27 17.86 -5.34
N ILE A 44 10.04 17.01 -4.36
CA ILE A 44 10.85 15.82 -4.11
C ILE A 44 9.99 14.63 -4.52
N THR A 45 10.49 13.73 -5.36
CA THR A 45 9.72 12.56 -5.79
C THR A 45 9.34 11.72 -4.57
N ALA A 46 8.05 11.42 -4.42
CA ALA A 46 7.60 10.67 -3.27
C ALA A 46 7.48 9.18 -3.57
N ILE A 47 8.41 8.41 -3.03
CA ILE A 47 8.41 6.96 -3.25
C ILE A 47 8.11 6.23 -1.95
N ILE A 48 7.17 5.29 -2.03
CA ILE A 48 6.79 4.45 -0.90
C ILE A 48 7.50 3.13 -1.20
N ALA A 49 8.59 2.87 -0.48
CA ALA A 49 9.38 1.64 -0.69
C ALA A 49 8.73 0.47 0.02
N GLU A 50 8.51 -0.63 -0.66
CA GLU A 50 7.86 -1.81 -0.08
C GLU A 50 8.83 -2.93 0.25
N TYR A 51 8.58 -3.62 1.37
CA TYR A 51 9.40 -4.75 1.80
C TYR A 51 8.58 -6.03 1.62
N LYS A 52 9.00 -6.93 0.76
CA LYS A 52 8.27 -8.18 0.63
C LYS A 52 9.23 -9.26 0.20
N ARG A 53 9.23 -10.36 0.95
CA ARG A 53 10.12 -11.45 0.68
C ARG A 53 9.76 -12.32 -0.50
N LYS A 54 8.47 -12.59 -0.66
CA LYS A 54 7.98 -13.48 -1.72
C LYS A 54 6.76 -12.85 -2.38
N SER A 55 6.30 -13.39 -3.50
CA SER A 55 5.12 -12.90 -4.19
C SER A 55 4.58 -13.99 -5.14
N PRO A 56 3.25 -14.09 -5.31
CA PRO A 56 2.76 -15.12 -6.22
C PRO A 56 3.27 -15.01 -7.64
N SER A 57 3.80 -13.85 -8.01
CA SER A 57 4.31 -13.73 -9.36
C SER A 57 5.77 -14.17 -9.49
N GLY A 58 6.37 -14.71 -8.43
CA GLY A 58 7.73 -15.20 -8.56
C GLY A 58 8.85 -14.60 -7.74
N LEU A 59 8.66 -13.42 -7.15
CA LEU A 59 9.73 -12.81 -6.36
C LEU A 59 10.15 -13.78 -5.25
N ASP A 60 11.42 -13.75 -4.88
CA ASP A 60 11.92 -14.59 -3.82
C ASP A 60 13.29 -14.09 -3.45
N VAL A 61 13.39 -13.17 -2.50
CA VAL A 61 14.70 -12.66 -2.10
C VAL A 61 14.85 -12.60 -0.57
N GLU A 62 16.04 -12.96 -0.05
CA GLU A 62 16.29 -12.90 1.39
C GLU A 62 16.96 -11.56 1.61
N ARG A 63 16.45 -10.71 2.50
CA ARG A 63 17.06 -9.40 2.78
C ARG A 63 16.56 -8.92 4.15
N ASP A 64 17.47 -8.47 4.98
CA ASP A 64 17.14 -8.04 6.32
C ASP A 64 16.13 -6.92 6.34
N PRO A 65 14.97 -7.15 6.96
CA PRO A 65 13.96 -6.08 7.00
C PRO A 65 14.38 -4.81 7.71
N ILE A 66 15.15 -4.90 8.79
CA ILE A 66 15.54 -3.68 9.53
C ILE A 66 16.53 -2.78 8.79
N GLU A 67 17.52 -3.40 8.17
CA GLU A 67 18.58 -2.70 7.46
C GLU A 67 18.01 -2.04 6.20
N TYR A 68 17.22 -2.80 5.43
CA TYR A 68 16.58 -2.31 4.23
C TYR A 68 15.73 -1.05 4.54
N SER A 69 14.99 -1.08 5.64
CA SER A 69 14.14 0.05 6.05
C SER A 69 14.92 1.25 6.52
N LYS A 70 15.96 1.03 7.32
CA LYS A 70 16.78 2.13 7.80
C LYS A 70 17.40 2.79 6.60
N PHE A 71 17.75 1.98 5.62
CA PHE A 71 18.33 2.50 4.38
C PHE A 71 17.31 3.34 3.60
N MET A 72 16.17 2.73 3.26
CA MET A 72 15.10 3.40 2.52
C MET A 72 14.64 4.66 3.23
N GLU A 73 14.78 4.68 4.55
CA GLU A 73 14.37 5.81 5.34
C GLU A 73 15.04 7.11 4.94
N ARG A 74 16.25 7.04 4.38
CA ARG A 74 16.94 8.27 4.02
C ARG A 74 16.33 8.95 2.81
N TYR A 75 15.58 8.21 2.00
CA TYR A 75 14.98 8.76 0.78
C TYR A 75 13.47 8.61 0.60
N ALA A 76 12.87 7.51 1.07
CA ALA A 76 11.44 7.23 0.87
C ALA A 76 10.46 8.11 1.60
N VAL A 77 9.28 8.32 1.02
CA VAL A 77 8.28 9.14 1.68
C VAL A 77 7.59 8.32 2.78
N GLY A 78 7.57 6.99 2.60
CA GLY A 78 6.98 6.10 3.58
C GLY A 78 7.35 4.68 3.24
N LEU A 79 7.01 3.75 4.12
CA LEU A 79 7.29 2.34 3.88
C LEU A 79 5.98 1.60 3.78
N SER A 80 6.01 0.48 3.09
CA SER A 80 4.84 -0.36 2.94
C SER A 80 5.36 -1.76 3.27
N ILE A 81 4.89 -2.38 4.36
CA ILE A 81 5.33 -3.74 4.81
C ILE A 81 4.25 -4.84 4.58
N LEU A 82 4.59 -5.95 3.92
CA LEU A 82 3.56 -6.99 3.69
C LEU A 82 3.39 -7.79 4.96
N THR A 83 2.16 -7.95 5.42
CA THR A 83 1.94 -8.73 6.61
C THR A 83 1.22 -9.99 6.28
N GLU A 84 0.94 -10.23 5.01
CA GLU A 84 0.23 -11.43 4.61
C GLU A 84 1.22 -12.57 4.74
N GLU A 85 0.81 -13.66 5.39
CA GLU A 85 1.70 -14.77 5.65
C GLU A 85 1.98 -15.88 4.64
N LYS A 86 0.96 -16.40 3.98
CA LYS A 86 1.14 -17.54 3.06
C LYS A 86 1.71 -17.28 1.67
N TYR A 87 1.33 -16.17 1.05
CA TYR A 87 1.79 -15.86 -0.29
C TYR A 87 2.96 -14.88 -0.35
N PHE A 88 3.07 -14.02 0.65
CA PHE A 88 4.14 -13.02 0.69
C PHE A 88 5.19 -13.26 1.76
N ASN A 89 4.96 -14.28 2.60
CA ASN A 89 5.90 -14.59 3.65
C ASN A 89 6.10 -13.43 4.59
N GLY A 90 5.03 -12.68 4.84
CA GLY A 90 5.12 -11.58 5.79
C GLY A 90 4.69 -12.03 7.17
N SER A 91 4.71 -11.13 8.17
CA SER A 91 4.31 -11.47 9.52
C SER A 91 4.09 -10.20 10.33
N TYR A 92 3.27 -10.27 11.37
CA TYR A 92 3.03 -9.12 12.22
C TYR A 92 4.31 -8.73 12.94
N GLU A 93 5.16 -9.71 13.23
CA GLU A 93 6.42 -9.46 13.94
C GLU A 93 7.36 -8.56 13.14
N THR A 94 7.39 -8.74 11.82
CA THR A 94 8.23 -7.91 10.97
C THR A 94 7.80 -6.44 11.02
N LEU A 95 6.48 -6.17 10.93
CA LEU A 95 5.94 -4.80 10.96
C LEU A 95 6.35 -4.12 12.27
N ARG A 96 6.21 -4.87 13.36
CA ARG A 96 6.57 -4.38 14.69
C ARG A 96 8.05 -3.96 14.78
N LYS A 97 8.99 -4.83 14.35
CA LYS A 97 10.42 -4.50 14.42
C LYS A 97 10.70 -3.26 13.60
N ILE A 98 10.09 -3.19 12.41
CA ILE A 98 10.27 -2.06 11.52
C ILE A 98 9.75 -0.77 12.15
N ALA A 99 8.52 -0.77 12.67
CA ALA A 99 7.98 0.45 13.29
C ALA A 99 8.84 0.97 14.44
N SER A 100 9.46 0.10 15.22
CA SER A 100 10.30 0.56 16.32
C SER A 100 11.66 1.10 15.85
N SER A 101 12.00 0.86 14.59
CA SER A 101 13.30 1.26 14.06
C SER A 101 13.37 2.57 13.27
N VAL A 102 12.29 2.96 12.61
CA VAL A 102 12.31 4.15 11.80
C VAL A 102 11.28 5.12 12.25
N SER A 103 11.27 6.31 11.68
CA SER A 103 10.29 7.29 12.08
C SER A 103 9.60 7.95 10.91
N ILE A 104 9.42 7.22 9.83
CA ILE A 104 8.72 7.75 8.67
C ILE A 104 7.41 6.93 8.61
N PRO A 105 6.37 7.40 7.92
CA PRO A 105 5.09 6.68 7.84
C PRO A 105 5.15 5.24 7.36
N ILE A 106 4.31 4.38 7.94
CA ILE A 106 4.24 2.98 7.55
C ILE A 106 2.84 2.57 7.12
N LEU A 107 2.77 1.94 5.96
CA LEU A 107 1.52 1.45 5.43
C LEU A 107 1.56 -0.05 5.66
N MET A 108 0.48 -0.63 6.17
CA MET A 108 0.44 -2.08 6.37
C MET A 108 -0.24 -2.70 5.14
N LYS A 109 0.44 -3.58 4.40
CA LYS A 109 -0.13 -4.20 3.20
C LYS A 109 -0.56 -5.63 3.51
N ASP A 110 -1.87 -5.86 3.41
CA ASP A 110 -2.46 -7.18 3.68
C ASP A 110 -3.84 -7.12 3.04
N PHE A 111 -4.65 -8.17 3.24
CA PHE A 111 -6.02 -8.21 2.70
C PHE A 111 -6.97 -8.06 3.86
N ILE A 112 -7.24 -6.82 4.20
CA ILE A 112 -8.10 -6.46 5.30
C ILE A 112 -9.61 -6.64 5.03
N VAL A 113 -10.25 -7.62 5.66
CA VAL A 113 -11.70 -7.89 5.50
C VAL A 113 -12.53 -7.71 6.78
N LYS A 114 -11.88 -7.35 7.88
CA LYS A 114 -12.57 -7.21 9.16
C LYS A 114 -11.90 -6.20 10.08
N GLU A 115 -12.69 -5.58 10.98
CA GLU A 115 -12.17 -4.59 11.91
C GLU A 115 -10.97 -4.98 12.78
N SER A 116 -10.86 -6.23 13.24
CA SER A 116 -9.73 -6.58 14.10
C SER A 116 -8.36 -6.39 13.40
N GLN A 117 -8.33 -6.44 12.06
CA GLN A 117 -7.06 -6.26 11.32
C GLN A 117 -6.58 -4.80 11.39
N ILE A 118 -7.51 -3.88 11.50
CA ILE A 118 -7.18 -2.48 11.62
C ILE A 118 -6.66 -2.25 13.06
N ASP A 119 -7.26 -2.93 14.05
CA ASP A 119 -6.81 -2.81 15.43
C ASP A 119 -5.37 -3.33 15.43
N ASP A 120 -5.16 -4.44 14.73
CA ASP A 120 -3.83 -5.01 14.63
C ASP A 120 -2.83 -3.99 14.07
N ALA A 121 -3.18 -3.34 12.97
CA ALA A 121 -2.29 -2.35 12.37
C ALA A 121 -1.98 -1.23 13.32
N TYR A 122 -3.00 -0.72 14.00
CA TYR A 122 -2.76 0.37 14.93
C TYR A 122 -1.86 -0.03 16.07
N ASN A 123 -2.17 -1.16 16.69
CA ASN A 123 -1.42 -1.66 17.84
C ASN A 123 0.02 -2.04 17.50
N LEU A 124 0.26 -2.45 16.25
CA LEU A 124 1.57 -2.86 15.75
C LEU A 124 2.48 -1.65 15.47
N GLY A 125 1.88 -0.50 15.19
CA GLY A 125 2.67 0.68 14.91
C GLY A 125 2.49 1.23 13.49
N ALA A 126 1.68 0.60 12.65
CA ALA A 126 1.49 1.11 11.30
C ALA A 126 0.76 2.44 11.34
N ASP A 127 0.96 3.27 10.32
CA ASP A 127 0.33 4.57 10.28
C ASP A 127 -0.90 4.62 9.44
N THR A 128 -1.01 3.71 8.48
CA THR A 128 -2.23 3.67 7.66
C THR A 128 -2.38 2.25 7.20
N VAL A 129 -3.45 1.99 6.46
CA VAL A 129 -3.76 0.64 6.04
C VAL A 129 -4.27 0.67 4.59
N LEU A 130 -4.23 -0.47 3.90
CA LEU A 130 -4.70 -0.60 2.51
C LEU A 130 -6.04 -1.31 2.50
N LEU A 131 -6.96 -0.78 1.70
CA LEU A 131 -8.26 -1.40 1.56
C LEU A 131 -8.44 -1.63 0.05
N ILE A 132 -8.69 -2.87 -0.35
CA ILE A 132 -8.85 -3.26 -1.74
C ILE A 132 -10.32 -3.34 -2.17
N VAL A 133 -10.74 -2.43 -3.03
CA VAL A 133 -12.11 -2.42 -3.45
C VAL A 133 -12.58 -3.73 -4.09
N LYS A 134 -11.76 -4.38 -4.88
CA LYS A 134 -12.29 -5.58 -5.53
C LYS A 134 -12.61 -6.79 -4.67
N ILE A 135 -12.19 -6.83 -3.40
CA ILE A 135 -12.52 -8.00 -2.58
C ILE A 135 -13.64 -7.72 -1.55
N LEU A 136 -14.06 -6.47 -1.46
CA LEU A 136 -15.06 -6.04 -0.50
C LEU A 136 -16.33 -5.53 -1.19
N THR A 137 -17.45 -5.56 -0.47
CA THR A 137 -18.72 -5.03 -0.98
C THR A 137 -18.69 -3.53 -0.60
N GLU A 138 -19.62 -2.76 -1.14
CA GLU A 138 -19.66 -1.34 -0.83
C GLU A 138 -19.86 -1.01 0.65
N ARG A 139 -20.75 -1.74 1.30
CA ARG A 139 -21.02 -1.52 2.71
C ARG A 139 -19.80 -1.82 3.57
N GLU A 140 -19.16 -2.96 3.31
CA GLU A 140 -17.95 -3.34 4.08
C GLU A 140 -16.87 -2.26 3.96
N LEU A 141 -16.65 -1.77 2.74
CA LEU A 141 -15.67 -0.72 2.43
C LEU A 141 -15.96 0.55 3.21
N GLU A 142 -17.22 0.98 3.14
CA GLU A 142 -17.65 2.16 3.84
C GLU A 142 -17.41 2.01 5.36
N SER A 143 -17.73 0.82 5.91
CA SER A 143 -17.52 0.55 7.35
C SER A 143 -16.05 0.51 7.75
N LEU A 144 -15.22 -0.20 6.98
CA LEU A 144 -13.78 -0.29 7.26
C LEU A 144 -13.15 1.09 7.09
N LEU A 145 -13.64 1.89 6.14
CA LEU A 145 -13.11 3.25 5.96
C LEU A 145 -13.36 4.10 7.21
N GLU A 146 -14.59 4.10 7.74
CA GLU A 146 -14.92 4.89 8.96
C GLU A 146 -14.13 4.41 10.20
N TYR A 147 -14.00 3.08 10.34
CA TYR A 147 -13.28 2.48 11.46
C TYR A 147 -11.83 2.98 11.52
N ALA A 148 -11.16 2.94 10.37
CA ALA A 148 -9.78 3.41 10.25
C ALA A 148 -9.67 4.90 10.57
N ARG A 149 -10.66 5.69 10.15
CA ARG A 149 -10.57 7.11 10.46
C ARG A 149 -10.78 7.33 11.94
N SER A 150 -11.49 6.43 12.63
CA SER A 150 -11.72 6.61 14.07
C SER A 150 -10.40 6.50 14.82
N TYR A 151 -9.38 5.96 14.16
CA TYR A 151 -8.03 5.86 14.74
C TYR A 151 -7.13 6.99 14.16
N GLY A 152 -7.71 7.92 13.39
CA GLY A 152 -6.93 9.00 12.81
C GLY A 152 -6.13 8.62 11.57
N MET A 153 -6.50 7.52 10.89
CA MET A 153 -5.78 7.04 9.70
C MET A 153 -6.58 7.33 8.44
N GLU A 154 -5.92 7.62 7.33
CA GLU A 154 -6.65 7.82 6.09
C GLU A 154 -6.09 6.66 5.32
N PRO A 155 -6.89 5.61 5.16
CA PRO A 155 -6.43 4.43 4.44
C PRO A 155 -6.20 4.66 2.94
N LEU A 156 -5.45 3.77 2.29
CA LEU A 156 -5.19 3.84 0.86
C LEU A 156 -6.18 2.89 0.22
N ILE A 157 -7.07 3.42 -0.62
CA ILE A 157 -8.10 2.62 -1.29
C ILE A 157 -7.61 2.29 -2.67
N GLU A 158 -7.53 1.01 -2.95
CA GLU A 158 -7.00 0.55 -4.21
C GLU A 158 -8.02 0.17 -5.27
N ILE A 159 -7.84 0.72 -6.46
CA ILE A 159 -8.73 0.45 -7.57
C ILE A 159 -7.95 -0.18 -8.73
N ASN A 160 -8.67 -0.89 -9.59
CA ASN A 160 -8.05 -1.56 -10.71
C ASN A 160 -8.89 -1.40 -11.98
N ASP A 161 -10.14 -0.97 -11.83
CA ASP A 161 -11.05 -0.76 -12.96
C ASP A 161 -12.01 0.43 -12.69
N GLU A 162 -12.84 0.80 -13.68
CA GLU A 162 -13.78 1.91 -13.53
C GLU A 162 -14.85 1.69 -12.48
N ASN A 163 -15.26 0.43 -12.31
CA ASN A 163 -16.28 0.05 -11.35
C ASN A 163 -15.76 0.31 -9.93
N ASP A 164 -14.48 -0.01 -9.70
CA ASP A 164 -13.83 0.22 -8.40
C ASP A 164 -13.79 1.73 -8.13
N LEU A 165 -13.47 2.52 -9.16
CA LEU A 165 -13.38 3.96 -9.00
C LEU A 165 -14.72 4.62 -8.70
N ASP A 166 -15.80 4.12 -9.30
CA ASP A 166 -17.15 4.65 -9.04
C ASP A 166 -17.41 4.52 -7.53
N ILE A 167 -17.16 3.31 -7.01
CA ILE A 167 -17.32 2.99 -5.60
C ILE A 167 -16.43 3.82 -4.68
N ALA A 168 -15.12 3.92 -4.97
CA ALA A 168 -14.23 4.70 -4.12
C ALA A 168 -14.64 6.15 -4.05
N LEU A 169 -15.13 6.67 -5.15
CA LEU A 169 -15.53 8.07 -5.20
C LEU A 169 -16.81 8.30 -4.40
N ARG A 170 -17.76 7.38 -4.52
CA ARG A 170 -19.04 7.49 -3.82
C ARG A 170 -18.88 7.54 -2.29
N ILE A 171 -18.02 6.68 -1.76
CA ILE A 171 -17.81 6.64 -0.33
C ILE A 171 -16.87 7.72 0.18
N GLY A 172 -16.44 8.66 -0.67
CA GLY A 172 -15.58 9.73 -0.18
C GLY A 172 -14.10 9.47 0.09
N ALA A 173 -13.47 8.56 -0.68
CA ALA A 173 -12.02 8.24 -0.53
C ALA A 173 -11.20 9.47 -0.87
N ARG A 174 -10.12 9.72 -0.14
CA ARG A 174 -9.32 10.87 -0.41
C ARG A 174 -7.90 10.51 -0.79
N PHE A 175 -7.57 9.23 -0.69
CA PHE A 175 -6.21 8.69 -0.91
C PHE A 175 -6.40 7.37 -1.71
N ILE A 176 -6.19 7.42 -3.02
CA ILE A 176 -6.39 6.26 -3.89
C ILE A 176 -5.11 5.69 -4.53
N GLY A 177 -5.07 4.38 -4.68
CA GLY A 177 -3.94 3.70 -5.28
C GLY A 177 -4.43 3.08 -6.57
N ILE A 178 -3.78 3.34 -7.70
CA ILE A 178 -4.23 2.75 -8.95
C ILE A 178 -3.27 1.62 -9.17
N ASN A 179 -3.80 0.41 -9.21
CA ASN A 179 -2.96 -0.76 -9.36
C ASN A 179 -3.00 -1.28 -10.77
N SER A 180 -1.81 -1.39 -11.37
CA SER A 180 -1.67 -1.90 -12.73
C SER A 180 -1.80 -3.40 -12.78
N ARG A 181 -1.59 -4.07 -11.64
CA ARG A 181 -1.69 -5.51 -11.60
C ARG A 181 -3.10 -5.91 -11.16
N ASP A 182 -3.69 -6.84 -11.88
CA ASP A 182 -5.00 -7.40 -11.59
C ASP A 182 -4.74 -8.49 -10.52
N LEU A 183 -5.24 -8.33 -9.29
CA LEU A 183 -5.01 -9.34 -8.24
C LEU A 183 -5.37 -10.78 -8.62
N GLU A 184 -6.44 -10.95 -9.40
CA GLU A 184 -6.93 -12.25 -9.84
C GLU A 184 -6.09 -13.01 -10.88
N THR A 185 -5.71 -12.36 -11.96
CA THR A 185 -4.93 -13.00 -13.02
C THR A 185 -3.42 -12.71 -12.98
N LEU A 186 -3.02 -11.77 -12.15
CA LEU A 186 -1.61 -11.38 -12.01
C LEU A 186 -1.06 -10.58 -13.20
N GLU A 187 -1.92 -10.23 -14.16
CA GLU A 187 -1.54 -9.45 -15.35
C GLU A 187 -1.36 -7.95 -15.10
N ILE A 188 -0.36 -7.37 -15.72
CA ILE A 188 -0.10 -5.94 -15.58
C ILE A 188 -0.59 -5.27 -16.87
N ASN A 189 -1.28 -4.14 -16.72
CA ASN A 189 -1.81 -3.41 -17.87
C ASN A 189 -1.63 -1.91 -17.58
N LYS A 190 -0.50 -1.35 -18.05
CA LYS A 190 -0.12 0.07 -17.89
C LYS A 190 -1.13 1.01 -18.53
N GLU A 191 -1.73 0.58 -19.64
CA GLU A 191 -2.71 1.40 -20.36
C GLU A 191 -3.95 1.66 -19.49
N ASN A 192 -4.54 0.58 -19.01
CA ASN A 192 -5.73 0.66 -18.17
C ASN A 192 -5.40 1.54 -16.96
N GLN A 193 -4.17 1.47 -16.45
CA GLN A 193 -3.80 2.30 -15.33
C GLN A 193 -3.79 3.79 -15.67
N ARG A 194 -3.31 4.14 -16.88
CA ARG A 194 -3.24 5.54 -17.31
C ARG A 194 -4.61 6.16 -17.52
N LYS A 195 -5.52 5.39 -18.10
CA LYS A 195 -6.90 5.84 -18.33
C LYS A 195 -7.51 6.25 -16.99
N LEU A 196 -7.42 5.36 -16.01
CA LEU A 196 -7.94 5.58 -14.66
C LEU A 196 -7.34 6.79 -13.96
N ILE A 197 -6.01 6.93 -13.96
CA ILE A 197 -5.34 8.07 -13.33
C ILE A 197 -5.93 9.36 -13.82
N SER A 198 -6.31 9.39 -15.09
CA SER A 198 -6.86 10.57 -15.72
C SER A 198 -8.31 10.90 -15.35
N MET A 199 -9.03 9.93 -14.79
CA MET A 199 -10.42 10.12 -14.40
C MET A 199 -10.56 10.56 -12.95
N ILE A 200 -9.46 10.63 -12.22
CA ILE A 200 -9.54 10.97 -10.80
C ILE A 200 -9.56 12.44 -10.45
N PRO A 201 -10.46 12.85 -9.53
CA PRO A 201 -10.57 14.26 -9.10
C PRO A 201 -9.18 14.74 -8.70
N SER A 202 -8.86 15.99 -8.99
CA SER A 202 -7.53 16.45 -8.66
C SER A 202 -7.24 16.67 -7.20
N ASN A 203 -8.28 16.66 -6.37
CA ASN A 203 -8.02 16.86 -4.97
C ASN A 203 -7.73 15.60 -4.19
N VAL A 204 -7.67 14.43 -4.84
CA VAL A 204 -7.33 13.23 -4.08
C VAL A 204 -5.87 12.84 -4.34
N VAL A 205 -5.14 12.45 -3.29
CA VAL A 205 -3.75 12.07 -3.42
C VAL A 205 -3.73 10.71 -4.14
N LYS A 206 -3.03 10.63 -5.28
CA LYS A 206 -2.98 9.39 -6.08
C LYS A 206 -1.66 8.65 -5.96
N VAL A 207 -1.70 7.33 -5.87
CA VAL A 207 -0.49 6.53 -5.75
C VAL A 207 -0.53 5.46 -6.82
N ALA A 208 0.50 5.43 -7.67
CA ALA A 208 0.56 4.43 -8.74
C ALA A 208 1.20 3.20 -8.12
N GLU A 209 0.64 2.02 -8.37
CA GLU A 209 1.21 0.81 -7.80
C GLU A 209 1.54 -0.26 -8.84
N SER A 210 2.59 -1.03 -8.57
CA SER A 210 3.04 -2.18 -9.39
C SER A 210 3.81 -2.02 -10.68
N GLY A 211 4.74 -2.94 -10.93
CA GLY A 211 5.51 -2.96 -12.15
C GLY A 211 6.46 -1.83 -12.54
N ILE A 212 6.78 -0.93 -11.62
CA ILE A 212 7.69 0.17 -11.94
C ILE A 212 9.11 -0.26 -11.67
N SER A 213 9.99 -0.10 -12.64
CA SER A 213 11.38 -0.46 -12.46
C SER A 213 12.34 0.58 -12.98
N GLU A 214 11.87 1.47 -13.87
CA GLU A 214 12.71 2.52 -14.47
C GLU A 214 12.29 3.95 -14.08
N ARG A 215 13.26 4.87 -14.04
CA ARG A 215 12.99 6.27 -13.70
C ARG A 215 12.17 7.01 -14.78
N ASN A 216 12.27 6.56 -16.04
CA ASN A 216 11.49 7.21 -17.09
C ASN A 216 9.99 6.97 -16.82
N GLU A 217 9.65 5.80 -16.29
CA GLU A 217 8.27 5.44 -15.94
C GLU A 217 7.71 6.40 -14.87
N ILE A 218 8.52 6.69 -13.86
CA ILE A 218 8.14 7.62 -12.80
C ILE A 218 7.94 9.02 -13.38
N GLU A 219 8.87 9.49 -14.20
CA GLU A 219 8.77 10.80 -14.84
C GLU A 219 7.45 10.92 -15.61
N GLU A 220 7.11 9.93 -16.42
CA GLU A 220 5.87 9.92 -17.18
C GLU A 220 4.65 9.99 -16.31
N LEU A 221 4.59 9.13 -15.29
CA LEU A 221 3.46 9.10 -14.35
C LEU A 221 3.28 10.44 -13.63
N ARG A 222 4.39 11.09 -13.27
CA ARG A 222 4.34 12.39 -12.57
C ARG A 222 3.65 13.52 -13.37
N LYS A 223 3.95 13.64 -14.67
CA LYS A 223 3.32 14.69 -15.47
C LYS A 223 1.83 14.39 -15.64
N LEU A 224 1.47 13.12 -15.44
CA LEU A 224 0.09 12.65 -15.53
C LEU A 224 -0.69 13.04 -14.26
N GLY A 225 -0.04 13.70 -13.31
CA GLY A 225 -0.70 14.11 -12.08
C GLY A 225 -0.61 13.16 -10.89
N VAL A 226 0.17 12.09 -10.97
CA VAL A 226 0.32 11.11 -9.86
C VAL A 226 1.19 11.75 -8.73
N ASN A 227 0.78 11.61 -7.46
CA ASN A 227 1.52 12.18 -6.35
C ASN A 227 2.64 11.29 -5.80
N ALA A 228 2.43 9.99 -5.76
CA ALA A 228 3.43 9.07 -5.21
C ALA A 228 3.46 7.72 -5.92
N PHE A 229 4.54 6.97 -5.68
CA PHE A 229 4.73 5.66 -6.33
C PHE A 229 5.05 4.54 -5.31
N LEU A 230 4.38 3.39 -5.42
CA LEU A 230 4.63 2.27 -4.51
C LEU A 230 5.44 1.28 -5.34
N ILE A 231 6.66 1.05 -4.89
CA ILE A 231 7.58 0.19 -5.60
C ILE A 231 8.09 -0.90 -4.68
N GLY A 232 7.87 -2.14 -5.11
CA GLY A 232 8.31 -3.29 -4.35
C GLY A 232 9.42 -4.12 -4.97
N SER A 233 9.10 -4.96 -5.96
CA SER A 233 10.08 -5.83 -6.61
C SER A 233 11.43 -5.29 -7.03
N SER A 234 11.44 -4.20 -7.78
CA SER A 234 12.70 -3.64 -8.26
C SER A 234 13.58 -3.20 -7.12
N LEU A 235 13.00 -2.61 -6.08
CA LEU A 235 13.76 -2.17 -4.90
C LEU A 235 14.24 -3.34 -4.01
N MET A 236 13.48 -4.43 -3.96
CA MET A 236 13.85 -5.61 -3.18
C MET A 236 15.05 -6.30 -3.86
N ARG A 237 14.97 -6.42 -5.19
CA ARG A 237 16.03 -7.02 -5.96
C ARG A 237 17.30 -6.15 -5.92
N ASN A 238 17.14 -4.82 -5.95
CA ASN A 238 18.28 -3.91 -5.94
C ASN A 238 17.97 -2.66 -5.12
N PRO A 239 18.21 -2.69 -3.81
CA PRO A 239 17.93 -1.52 -2.97
C PRO A 239 18.49 -0.19 -3.52
N GLU A 240 19.64 -0.28 -4.19
CA GLU A 240 20.37 0.87 -4.73
C GLU A 240 19.59 1.75 -5.74
N LYS A 241 18.69 1.14 -6.50
CA LYS A 241 17.88 1.88 -7.45
C LYS A 241 17.14 3.06 -6.82
N ILE A 242 16.90 3.04 -5.51
CA ILE A 242 16.19 4.15 -4.88
C ILE A 242 16.88 5.47 -5.20
N LYS A 243 18.20 5.43 -5.35
CA LYS A 243 18.99 6.62 -5.67
C LYS A 243 18.71 7.12 -7.08
N GLU A 244 18.45 6.21 -8.00
CA GLU A 244 18.15 6.61 -9.37
C GLU A 244 16.71 7.14 -9.45
N PHE A 245 15.77 6.47 -8.81
CA PHE A 245 14.37 6.88 -8.82
C PHE A 245 14.17 8.27 -8.23
N ILE A 246 15.01 8.62 -7.26
CA ILE A 246 14.93 9.90 -6.58
C ILE A 246 15.52 11.15 -7.28
N LEU A 247 16.42 10.99 -8.25
CA LEU A 247 17.02 12.17 -8.90
C LEU A 247 16.05 12.88 -9.86
#